data_7YR7
#
_entry.id   7YR7
#
loop_
_entity.id
_entity.type
_entity.pdbx_description
1 polymer 'Translational regulator CsrA'
2 polymer 'RsmZ RNA (118-MER)'
#
loop_
_entity_poly.entity_id
_entity_poly.type
_entity_poly.pdbx_seq_one_letter_code
_entity_poly.pdbx_strand_id
1 'polypeptide(L)' MLILTRRVGETLMVGDDVTVTVLGVKGNQVRIGVNAPKEVAVHREEIYQRIQKEK F,E,G,B,C,D
2 'polyribonucleotide'
;GCGUACAGGGAACACGCAACCCCGAAGGAUCGGGGAAGGGACGUCGCCAGGGAGGCGAUUCCAUCAGGAUGAUGACGAGG
GACUGAAGAGUGGGCGGGGUAAUACCCCGCCCCUUUUU
;
A
#
loop_
_chem_comp.id
_chem_comp.type
_chem_comp.name
_chem_comp.formula
A RNA linking ADENOSINE-5'-MONOPHOSPHATE 'C10 H14 N5 O7 P'
C RNA linking CYTIDINE-5'-MONOPHOSPHATE 'C9 H14 N3 O8 P'
G RNA linking GUANOSINE-5'-MONOPHOSPHATE 'C10 H14 N5 O8 P'
U RNA linking URIDINE-5'-MONOPHOSPHATE 'C9 H13 N2 O9 P'
#
# COMPACT_ATOMS: atom_id res chain seq x y z
N MET A 1 36.54 -0.62 12.21
CA MET A 1 35.24 -0.98 12.75
C MET A 1 34.16 -0.12 12.12
N LEU A 2 32.96 -0.72 11.99
CA LEU A 2 31.83 -0.24 11.16
C LEU A 2 32.28 0.07 9.73
N ILE A 3 32.89 -0.92 9.08
CA ILE A 3 33.31 -0.80 7.70
C ILE A 3 32.12 -1.21 6.84
N LEU A 4 31.22 -0.26 6.63
CA LEU A 4 29.85 -0.55 6.24
C LEU A 4 29.67 -0.26 4.76
N THR A 5 28.41 -0.31 4.32
CA THR A 5 27.89 -0.10 2.94
C THR A 5 28.55 -1.04 1.93
N ARG A 6 28.19 -2.31 2.04
CA ARG A 6 28.23 -3.18 0.87
C ARG A 6 26.82 -3.35 0.32
N ARG A 7 26.75 -3.47 -1.00
CA ARG A 7 25.52 -3.78 -1.70
C ARG A 7 25.39 -5.29 -1.82
N VAL A 8 24.47 -5.75 -2.68
CA VAL A 8 24.17 -7.18 -2.81
C VAL A 8 25.29 -7.86 -3.58
N GLY A 9 25.93 -8.83 -2.93
CA GLY A 9 27.02 -9.56 -3.54
C GLY A 9 28.31 -8.80 -3.63
N GLU A 10 28.50 -7.77 -2.80
CA GLU A 10 29.54 -6.79 -3.07
C GLU A 10 30.91 -7.23 -2.55
N THR A 11 31.03 -7.49 -1.25
CA THR A 11 32.33 -7.82 -0.69
C THR A 11 32.68 -9.28 -0.95
N LEU A 12 33.98 -9.56 -1.04
CA LEU A 12 34.48 -10.91 -1.31
C LEU A 12 35.66 -11.26 -0.42
N MET A 13 36.21 -10.30 0.32
CA MET A 13 37.36 -10.55 1.18
C MET A 13 37.32 -9.56 2.33
N VAL A 14 37.35 -10.06 3.55
CA VAL A 14 37.38 -9.24 4.77
C VAL A 14 38.57 -9.72 5.58
N GLY A 15 39.59 -8.87 5.70
CA GLY A 15 40.76 -9.22 6.50
C GLY A 15 41.74 -10.11 5.75
N ASP A 16 41.73 -11.40 6.08
CA ASP A 16 42.39 -12.43 5.31
C ASP A 16 41.32 -13.26 4.59
N ASP A 17 41.75 -14.36 3.96
CA ASP A 17 40.88 -15.13 3.07
C ASP A 17 39.83 -15.95 3.81
N VAL A 18 38.77 -15.26 4.26
CA VAL A 18 37.66 -15.92 4.93
C VAL A 18 36.35 -15.83 4.17
N THR A 19 36.23 -14.90 3.21
CA THR A 19 35.21 -14.81 2.14
C THR A 19 33.78 -14.71 2.68
N VAL A 20 33.52 -13.60 3.36
CA VAL A 20 32.22 -13.34 3.95
C VAL A 20 31.46 -12.38 3.06
N THR A 21 30.36 -12.85 2.47
CA THR A 21 29.57 -12.07 1.53
C THR A 21 28.24 -11.72 2.15
N VAL A 22 27.41 -10.99 1.40
CA VAL A 22 26.04 -10.64 1.78
C VAL A 22 25.12 -11.01 0.64
N LEU A 23 24.18 -11.92 0.89
CA LEU A 23 23.16 -12.30 -0.08
C LEU A 23 21.94 -11.37 -0.01
N GLY A 24 20.82 -11.83 -0.56
CA GLY A 24 19.63 -10.99 -0.66
C GLY A 24 18.96 -10.73 0.68
N VAL A 25 18.25 -9.61 0.73
CA VAL A 25 17.63 -9.10 1.95
C VAL A 25 16.12 -9.16 1.78
N LYS A 26 15.48 -10.09 2.49
CA LYS A 26 14.03 -10.25 2.47
C LYS A 26 13.50 -10.01 3.89
N GLY A 27 13.00 -8.82 4.13
CA GLY A 27 12.55 -8.44 5.47
C GLY A 27 13.66 -7.77 6.25
N ASN A 28 14.04 -8.35 7.37
CA ASN A 28 15.20 -7.90 8.11
C ASN A 28 16.19 -9.03 8.40
N GLN A 29 15.82 -10.27 8.17
CA GLN A 29 16.75 -11.39 8.35
C GLN A 29 17.68 -11.41 7.16
N VAL A 30 18.88 -10.87 7.34
CA VAL A 30 19.83 -10.84 6.23
C VAL A 30 20.49 -12.21 6.11
N ARG A 31 20.96 -12.49 4.90
CA ARG A 31 21.51 -13.81 4.59
C ARG A 31 23.02 -13.68 4.49
N ILE A 32 23.68 -13.72 5.65
CA ILE A 32 25.14 -13.63 5.69
C ILE A 32 25.71 -14.98 5.29
N GLY A 33 26.46 -15.00 4.21
CA GLY A 33 27.16 -16.20 3.83
C GLY A 33 28.61 -16.16 4.27
N VAL A 34 29.21 -17.32 4.48
CA VAL A 34 30.63 -17.44 4.74
C VAL A 34 31.13 -18.69 4.03
N ASN A 35 32.22 -18.53 3.28
CA ASN A 35 32.81 -19.62 2.52
C ASN A 35 34.25 -19.84 2.96
N ALA A 36 34.45 -19.86 4.27
CA ALA A 36 35.77 -19.97 4.86
C ALA A 36 36.29 -21.41 4.79
N PRO A 37 37.59 -21.62 5.00
CA PRO A 37 38.06 -22.94 5.39
C PRO A 37 37.49 -23.37 6.74
N LYS A 38 37.15 -24.66 6.83
CA LYS A 38 36.39 -25.21 7.95
C LYS A 38 37.25 -25.61 9.14
N GLU A 39 38.57 -25.39 9.07
CA GLU A 39 39.45 -25.76 10.17
C GLU A 39 39.35 -24.78 11.33
N VAL A 40 38.98 -23.53 11.05
CA VAL A 40 38.62 -22.61 12.11
C VAL A 40 37.21 -22.94 12.59
N ALA A 41 36.95 -22.71 13.87
CA ALA A 41 35.67 -23.11 14.48
C ALA A 41 34.67 -21.96 14.40
N VAL A 42 34.27 -21.64 13.18
CA VAL A 42 33.21 -20.66 12.97
C VAL A 42 31.86 -21.36 13.14
N HIS A 43 30.89 -20.59 13.64
CA HIS A 43 29.61 -21.13 14.08
C HIS A 43 28.56 -20.06 13.87
N ARG A 44 27.43 -20.22 14.56
CA ARG A 44 26.44 -19.16 14.76
C ARG A 44 26.82 -18.27 15.93
N GLU A 45 25.84 -17.58 16.51
CA GLU A 45 26.04 -16.59 17.56
C GLU A 45 26.33 -17.25 18.92
N GLU A 46 26.26 -16.45 19.99
CA GLU A 46 26.86 -16.77 21.29
C GLU A 46 26.24 -17.91 22.11
N ILE A 47 25.19 -18.58 21.61
CA ILE A 47 24.72 -19.83 22.20
C ILE A 47 25.74 -20.95 21.97
N TYR A 48 26.47 -20.91 20.85
CA TYR A 48 27.55 -21.86 20.65
C TYR A 48 28.80 -21.49 21.44
N GLN A 49 28.95 -20.19 21.78
CA GLN A 49 29.96 -19.79 22.75
C GLN A 49 29.61 -20.26 24.15
N ARG A 50 28.31 -20.32 24.47
CA ARG A 50 27.86 -20.92 25.72
C ARG A 50 28.05 -22.44 25.72
N ILE A 51 27.93 -23.05 24.53
CA ILE A 51 28.12 -24.50 24.36
C ILE A 51 29.60 -24.87 24.56
N GLN A 52 30.51 -24.07 24.01
CA GLN A 52 31.93 -24.30 24.28
C GLN A 52 32.35 -23.79 25.66
N LYS A 53 31.56 -22.92 26.29
CA LYS A 53 31.83 -22.53 27.67
C LYS A 53 31.50 -23.65 28.65
N GLU A 54 30.37 -24.35 28.44
CA GLU A 54 30.10 -25.50 29.30
C GLU A 54 30.94 -26.71 28.92
N LYS A 55 31.28 -26.84 27.64
CA LYS A 55 32.07 -27.98 27.17
C LYS A 55 33.55 -27.79 27.47
N MET B 1 -28.59 6.78 -27.18
CA MET B 1 -28.06 6.29 -28.45
C MET B 1 -26.77 7.05 -28.75
N LEU B 2 -25.65 6.44 -28.33
CA LEU B 2 -24.33 7.06 -28.15
C LEU B 2 -24.45 8.33 -27.31
N ILE B 3 -24.75 8.10 -26.04
CA ILE B 3 -25.04 9.21 -25.13
C ILE B 3 -23.76 9.90 -24.69
N LEU B 4 -22.80 9.15 -24.16
CA LEU B 4 -21.58 9.77 -23.66
C LEU B 4 -20.34 8.92 -23.60
N THR B 5 -19.26 9.42 -24.17
CA THR B 5 -17.98 8.73 -24.11
C THR B 5 -17.51 8.72 -22.65
N ARG B 6 -17.70 7.59 -21.98
CA ARG B 6 -17.60 7.54 -20.52
C ARG B 6 -16.17 7.33 -20.06
N ARG B 7 -15.70 8.22 -19.18
CA ARG B 7 -14.36 8.15 -18.64
C ARG B 7 -14.24 7.04 -17.58
N VAL B 8 -13.01 6.82 -17.14
CA VAL B 8 -12.71 5.76 -16.18
C VAL B 8 -13.15 6.23 -14.80
N GLY B 9 -14.16 5.58 -14.25
CA GLY B 9 -14.74 6.00 -12.99
C GLY B 9 -15.56 7.27 -13.08
N GLU B 10 -16.22 7.49 -14.23
CA GLU B 10 -16.89 8.76 -14.45
C GLU B 10 -18.25 8.81 -13.77
N THR B 11 -19.17 7.93 -14.15
CA THR B 11 -20.56 8.09 -13.80
C THR B 11 -20.89 7.48 -12.44
N LEU B 12 -22.08 7.83 -11.97
CA LEU B 12 -22.72 7.15 -10.86
C LEU B 12 -24.14 6.72 -11.21
N MET B 13 -24.70 7.27 -12.29
CA MET B 13 -26.02 6.87 -12.79
C MET B 13 -26.07 7.16 -14.28
N VAL B 14 -26.45 6.15 -15.07
CA VAL B 14 -26.60 6.29 -16.52
C VAL B 14 -28.00 5.78 -16.87
N GLY B 15 -28.80 6.62 -17.52
CA GLY B 15 -30.10 6.20 -18.00
C GLY B 15 -31.23 6.53 -17.06
N ASP B 16 -31.65 5.54 -16.29
CA ASP B 16 -32.70 5.70 -15.29
C ASP B 16 -32.11 5.20 -13.98
N ASP B 17 -32.97 4.99 -12.97
CA ASP B 17 -32.54 4.53 -11.65
C ASP B 17 -32.12 3.06 -11.61
N VAL B 18 -31.00 2.75 -12.26
CA VAL B 18 -30.45 1.39 -12.28
C VAL B 18 -29.03 1.34 -11.75
N THR B 19 -28.33 2.49 -11.70
CA THR B 19 -26.94 2.70 -11.24
C THR B 19 -25.94 1.77 -11.94
N VAL B 20 -25.83 1.96 -13.25
CA VAL B 20 -24.83 1.27 -14.06
C VAL B 20 -23.61 2.19 -14.21
N THR B 21 -22.45 1.68 -13.80
CA THR B 21 -21.23 2.48 -13.79
C THR B 21 -20.16 1.75 -14.60
N VAL B 22 -18.96 2.29 -14.59
CA VAL B 22 -17.75 1.57 -14.99
C VAL B 22 -16.80 1.56 -13.80
N LEU B 23 -15.80 0.70 -13.89
CA LEU B 23 -14.65 0.82 -13.01
C LEU B 23 -13.57 -0.20 -13.31
N GLY B 24 -12.35 0.28 -13.52
CA GLY B 24 -11.24 -0.59 -13.85
C GLY B 24 -11.08 -0.73 -15.34
N VAL B 25 -10.07 -0.09 -15.92
CA VAL B 25 -9.80 -0.16 -17.36
C VAL B 25 -8.33 -0.52 -17.52
N LYS B 26 -8.06 -1.66 -18.16
CA LYS B 26 -6.70 -2.13 -18.41
C LYS B 26 -6.56 -2.31 -19.92
N GLY B 27 -6.09 -1.26 -20.60
CA GLY B 27 -5.93 -1.29 -22.04
C GLY B 27 -7.25 -1.21 -22.78
N ASN B 28 -7.50 -2.16 -23.67
CA ASN B 28 -8.78 -2.22 -24.34
C ASN B 28 -9.84 -2.91 -23.50
N GLN B 29 -9.44 -3.62 -22.44
CA GLN B 29 -10.40 -4.22 -21.52
C GLN B 29 -11.01 -3.16 -20.63
N VAL B 30 -12.34 -3.07 -20.64
CA VAL B 30 -13.09 -2.13 -19.80
C VAL B 30 -14.06 -2.95 -18.96
N ARG B 31 -13.90 -2.89 -17.64
CA ARG B 31 -14.75 -3.65 -16.72
C ARG B 31 -15.99 -2.83 -16.42
N ILE B 32 -17.12 -3.27 -16.98
CA ILE B 32 -18.36 -2.56 -16.75
C ILE B 32 -18.93 -3.01 -15.40
N GLY B 33 -19.79 -2.19 -14.82
CA GLY B 33 -20.36 -2.51 -13.52
C GLY B 33 -21.82 -2.13 -13.37
N VAL B 34 -22.66 -3.10 -13.03
CA VAL B 34 -24.09 -2.90 -12.86
C VAL B 34 -24.43 -3.08 -11.39
N ASN B 35 -25.02 -2.06 -10.78
CA ASN B 35 -25.43 -2.10 -9.38
C ASN B 35 -26.95 -2.01 -9.25
N ALA B 36 -27.64 -2.80 -10.08
CA ALA B 36 -29.09 -2.86 -10.11
C ALA B 36 -29.66 -3.54 -8.87
N PRO B 37 -30.95 -3.31 -8.58
CA PRO B 37 -31.66 -4.23 -7.66
C PRO B 37 -31.75 -5.63 -8.23
N LYS B 38 -31.80 -6.60 -7.31
CA LYS B 38 -31.49 -7.99 -7.65
C LYS B 38 -32.66 -8.74 -8.29
N GLU B 39 -33.83 -8.11 -8.48
CA GLU B 39 -34.94 -8.82 -9.09
C GLU B 39 -34.83 -8.88 -10.61
N VAL B 40 -34.02 -8.02 -11.21
CA VAL B 40 -33.81 -8.03 -12.65
C VAL B 40 -32.46 -8.68 -12.95
N ALA B 41 -32.33 -9.28 -14.14
CA ALA B 41 -31.20 -10.13 -14.47
C ALA B 41 -30.26 -9.43 -15.46
N VAL B 42 -29.06 -9.98 -15.55
CA VAL B 42 -28.03 -9.46 -16.50
C VAL B 42 -27.17 -10.66 -16.94
N HIS B 43 -26.80 -10.74 -18.21
CA HIS B 43 -26.04 -11.93 -18.68
C HIS B 43 -24.94 -11.55 -19.65
N ARG B 44 -23.80 -12.22 -19.56
CA ARG B 44 -22.76 -11.94 -20.54
C ARG B 44 -23.09 -12.56 -21.89
N GLU B 45 -23.15 -13.89 -21.96
CA GLU B 45 -23.27 -14.62 -23.23
C GLU B 45 -24.63 -15.30 -23.24
N GLU B 46 -25.61 -14.58 -23.75
CA GLU B 46 -27.03 -14.83 -23.50
C GLU B 46 -27.68 -15.86 -24.43
N ILE B 47 -26.89 -16.69 -25.11
CA ILE B 47 -27.43 -17.56 -26.16
C ILE B 47 -28.16 -18.75 -25.54
N TYR B 48 -27.65 -19.25 -24.41
CA TYR B 48 -28.35 -20.35 -23.77
C TYR B 48 -29.53 -19.86 -22.92
N GLN B 49 -29.52 -18.60 -22.47
CA GLN B 49 -30.69 -18.10 -21.74
C GLN B 49 -31.81 -17.71 -22.69
N ARG B 50 -31.48 -17.35 -23.94
CA ARG B 50 -32.54 -17.16 -24.93
C ARG B 50 -33.08 -18.50 -25.44
N ILE B 51 -32.22 -19.53 -25.55
CA ILE B 51 -32.71 -20.83 -26.01
C ILE B 51 -33.48 -21.55 -24.89
N GLN B 52 -33.16 -21.23 -23.63
CA GLN B 52 -33.96 -21.74 -22.52
C GLN B 52 -35.18 -20.87 -22.28
N LYS B 53 -35.18 -19.64 -22.78
CA LYS B 53 -36.40 -18.84 -22.83
C LYS B 53 -37.37 -19.42 -23.86
N GLU B 54 -36.84 -19.90 -24.98
CA GLU B 54 -37.72 -20.54 -25.97
C GLU B 54 -38.12 -21.95 -25.54
N LYS B 55 -37.34 -22.61 -24.68
CA LYS B 55 -37.88 -23.79 -24.01
C LYS B 55 -38.83 -23.37 -22.90
N MET C 1 -21.63 -7.60 -9.42
CA MET C 1 -21.28 -6.18 -9.43
C MET C 1 -20.16 -5.88 -10.43
N LEU C 2 -19.16 -6.75 -10.48
CA LEU C 2 -17.98 -6.54 -11.32
C LEU C 2 -17.96 -7.62 -12.40
N ILE C 3 -19.11 -7.78 -13.06
CA ILE C 3 -19.49 -9.06 -13.68
C ILE C 3 -18.72 -9.32 -14.96
N LEU C 4 -18.29 -8.27 -15.66
CA LEU C 4 -17.96 -8.43 -17.06
C LEU C 4 -16.71 -7.64 -17.43
N THR C 5 -15.88 -8.20 -18.32
CA THR C 5 -14.54 -7.75 -18.66
C THR C 5 -14.39 -7.67 -20.19
N ARG C 6 -15.25 -6.87 -20.84
CA ARG C 6 -15.22 -6.78 -22.29
C ARG C 6 -14.05 -5.95 -22.82
N ARG C 7 -13.49 -6.42 -23.93
CA ARG C 7 -12.56 -5.70 -24.78
C ARG C 7 -13.35 -4.90 -25.82
N VAL C 8 -12.66 -4.48 -26.89
CA VAL C 8 -13.31 -3.74 -27.97
C VAL C 8 -14.22 -4.65 -28.79
N GLY C 9 -15.52 -4.31 -28.79
CA GLY C 9 -16.50 -4.94 -29.65
C GLY C 9 -16.88 -6.36 -29.32
N GLU C 10 -16.60 -6.82 -28.10
CA GLU C 10 -16.70 -8.25 -27.80
C GLU C 10 -18.14 -8.69 -27.57
N THR C 11 -18.99 -7.80 -27.06
CA THR C 11 -20.41 -8.06 -27.05
C THR C 11 -21.16 -6.89 -27.68
N LEU C 12 -22.43 -7.15 -28.02
CA LEU C 12 -23.34 -6.13 -28.49
C LEU C 12 -24.63 -6.06 -27.70
N MET C 13 -24.87 -6.97 -26.76
CA MET C 13 -26.07 -6.97 -25.92
C MET C 13 -25.68 -7.43 -24.52
N VAL C 14 -25.99 -6.63 -23.51
CA VAL C 14 -25.77 -7.01 -22.11
C VAL C 14 -27.10 -6.91 -21.37
N GLY C 15 -27.53 -8.02 -20.79
CA GLY C 15 -28.67 -8.00 -19.90
C GLY C 15 -29.95 -8.48 -20.54
N ASP C 16 -31.06 -8.06 -19.91
CA ASP C 16 -32.40 -8.34 -20.41
C ASP C 16 -32.81 -7.26 -21.41
N ASP C 17 -34.11 -7.19 -21.73
CA ASP C 17 -34.60 -6.24 -22.74
C ASP C 17 -34.65 -4.80 -22.24
N VAL C 18 -33.49 -4.18 -22.04
CA VAL C 18 -33.35 -2.78 -21.68
C VAL C 18 -32.34 -2.17 -22.64
N THR C 19 -31.56 -3.05 -23.31
CA THR C 19 -30.61 -2.77 -24.40
C THR C 19 -29.51 -1.79 -24.00
N VAL C 20 -28.69 -2.19 -23.04
CA VAL C 20 -27.49 -1.46 -22.66
C VAL C 20 -26.33 -2.18 -23.33
N THR C 21 -25.74 -1.55 -24.33
CA THR C 21 -24.73 -2.16 -25.18
C THR C 21 -23.37 -1.48 -24.93
N VAL C 22 -22.36 -1.96 -25.65
CA VAL C 22 -21.09 -1.27 -25.79
C VAL C 22 -20.69 -1.28 -27.26
N LEU C 23 -20.51 -0.09 -27.84
CA LEU C 23 -20.27 0.06 -29.28
C LEU C 23 -19.02 0.93 -29.42
N GLY C 24 -17.86 0.30 -29.42
CA GLY C 24 -16.60 1.02 -29.56
C GLY C 24 -16.03 1.52 -28.25
N VAL C 25 -14.72 1.39 -28.07
CA VAL C 25 -14.03 1.92 -26.90
C VAL C 25 -12.92 2.84 -27.42
N LYS C 26 -12.95 4.11 -27.02
CA LYS C 26 -11.87 5.04 -27.34
C LYS C 26 -10.82 5.10 -26.23
N GLY C 27 -10.29 3.94 -25.82
CA GLY C 27 -9.28 3.89 -24.79
C GLY C 27 -9.82 4.06 -23.40
N ASN C 28 -9.55 5.21 -22.79
CA ASN C 28 -10.15 5.54 -21.50
C ASN C 28 -11.63 5.85 -21.65
N GLN C 29 -12.00 6.49 -22.76
CA GLN C 29 -13.41 6.74 -23.06
C GLN C 29 -14.07 5.44 -23.54
N VAL C 30 -15.26 5.17 -23.02
CA VAL C 30 -16.04 4.01 -23.43
C VAL C 30 -17.43 4.49 -23.82
N ARG C 31 -17.97 3.91 -24.90
CA ARG C 31 -19.16 4.45 -25.56
C ARG C 31 -20.37 3.58 -25.24
N ILE C 32 -21.21 4.06 -24.33
CA ILE C 32 -22.50 3.43 -24.10
C ILE C 32 -23.44 3.89 -25.20
N GLY C 33 -23.87 2.96 -26.05
CA GLY C 33 -24.83 3.28 -27.09
C GLY C 33 -26.07 2.41 -26.98
N VAL C 34 -27.22 3.01 -26.72
CA VAL C 34 -28.41 2.26 -26.39
C VAL C 34 -29.42 2.33 -27.53
N ASN C 35 -30.43 1.46 -27.46
CA ASN C 35 -31.60 1.55 -28.31
C ASN C 35 -32.87 1.32 -27.49
N ALA C 36 -32.93 1.90 -26.30
CA ALA C 36 -34.14 1.93 -25.50
C ALA C 36 -35.19 2.81 -26.18
N PRO C 37 -36.48 2.48 -26.03
CA PRO C 37 -37.53 3.28 -26.68
C PRO C 37 -37.75 4.63 -26.01
N LYS C 38 -38.52 5.47 -26.71
CA LYS C 38 -38.79 6.84 -26.31
C LYS C 38 -39.68 6.95 -25.07
N GLU C 39 -40.45 5.91 -24.76
CA GLU C 39 -41.35 5.93 -23.61
C GLU C 39 -40.61 5.68 -22.29
N VAL C 40 -39.37 5.22 -22.34
CA VAL C 40 -38.51 5.16 -21.17
C VAL C 40 -37.40 6.20 -21.40
N ALA C 41 -36.77 6.63 -20.31
CA ALA C 41 -35.85 7.74 -20.34
C ALA C 41 -34.40 7.26 -20.29
N VAL C 42 -33.52 8.01 -20.96
CA VAL C 42 -32.09 7.83 -20.83
C VAL C 42 -31.46 9.19 -20.54
N HIS C 43 -30.68 9.25 -19.48
CA HIS C 43 -30.00 10.47 -19.06
C HIS C 43 -28.63 10.11 -18.50
N ARG C 44 -28.00 11.08 -17.86
CA ARG C 44 -26.66 10.94 -17.33
C ARG C 44 -26.64 11.54 -15.94
N GLU C 45 -25.46 11.58 -15.32
CA GLU C 45 -25.30 12.25 -14.02
C GLU C 45 -24.33 13.40 -14.27
N GLU C 46 -24.88 14.55 -14.65
CA GLU C 46 -24.09 15.70 -15.07
C GLU C 46 -24.82 16.98 -14.65
N ILE C 47 -24.45 18.09 -15.32
CA ILE C 47 -25.05 19.41 -15.10
C ILE C 47 -26.52 19.42 -15.55
N TYR C 48 -26.87 18.62 -16.57
CA TYR C 48 -28.27 18.44 -16.94
C TYR C 48 -29.04 17.60 -15.92
N GLN C 49 -28.35 16.71 -15.19
CA GLN C 49 -29.00 16.00 -14.09
C GLN C 49 -29.21 16.91 -12.89
N ARG C 50 -28.30 17.87 -12.71
CA ARG C 50 -28.54 18.92 -11.71
C ARG C 50 -29.63 19.90 -12.14
N ILE C 51 -29.81 20.07 -13.46
CA ILE C 51 -30.91 20.88 -14.01
C ILE C 51 -32.25 20.19 -13.77
N GLN C 52 -32.29 18.86 -13.97
CA GLN C 52 -33.49 18.08 -13.68
C GLN C 52 -33.71 17.91 -12.18
N LYS C 53 -32.66 18.03 -11.37
CA LYS C 53 -32.82 18.07 -9.92
C LYS C 53 -33.40 19.39 -9.47
N GLU C 54 -33.00 20.49 -10.11
CA GLU C 54 -33.46 21.81 -9.70
C GLU C 54 -34.87 22.08 -10.18
N LYS C 55 -35.11 21.96 -11.48
CA LYS C 55 -36.44 22.23 -12.06
C LYS C 55 -37.41 21.09 -11.77
N MET D 1 4.49 2.93 13.63
CA MET D 1 3.35 3.80 13.86
C MET D 1 2.30 3.60 12.79
N LEU D 2 2.67 2.91 11.71
CA LEU D 2 1.90 2.96 10.49
C LEU D 2 0.80 1.92 10.55
N ILE D 3 -0.44 2.38 10.74
CA ILE D 3 -1.60 1.53 10.59
C ILE D 3 -1.74 1.15 9.12
N LEU D 4 -2.10 -0.11 8.87
CA LEU D 4 -1.99 -0.81 7.60
C LEU D 4 -2.85 -0.22 6.50
N THR D 5 -4.16 -0.43 6.59
CA THR D 5 -5.12 0.01 5.59
C THR D 5 -6.40 0.31 6.34
N ARG D 6 -7.02 1.45 6.05
CA ARG D 6 -8.37 1.71 6.50
C ARG D 6 -9.19 2.18 5.31
N ARG D 7 -10.21 1.40 4.96
CA ARG D 7 -10.87 1.50 3.67
C ARG D 7 -12.18 2.27 3.79
N VAL D 8 -12.96 2.24 2.71
CA VAL D 8 -14.05 3.17 2.45
C VAL D 8 -15.26 2.83 3.31
N GLY D 9 -15.47 3.62 4.37
CA GLY D 9 -16.63 3.45 5.23
C GLY D 9 -16.38 2.50 6.38
N GLU D 10 -15.30 2.75 7.12
CA GLU D 10 -14.81 1.84 8.16
C GLU D 10 -14.34 2.72 9.32
N THR D 11 -13.44 2.16 10.14
CA THR D 11 -12.61 2.83 11.15
C THR D 11 -13.46 3.43 12.28
N LEU D 12 -13.96 2.51 13.12
CA LEU D 12 -14.95 2.85 14.15
C LEU D 12 -14.34 3.70 15.27
N MET D 13 -13.25 3.24 15.88
CA MET D 13 -12.68 3.96 17.02
C MET D 13 -11.18 3.72 17.06
N VAL D 14 -10.39 4.73 16.66
CA VAL D 14 -8.94 4.63 16.68
C VAL D 14 -8.36 5.72 17.56
N GLY D 15 -7.20 5.42 18.15
CA GLY D 15 -6.54 6.40 19.02
C GLY D 15 -7.19 6.46 20.38
N ASP D 16 -7.41 7.68 20.85
CA ASP D 16 -8.31 7.96 21.96
C ASP D 16 -9.69 8.26 21.40
N ASP D 17 -10.59 8.90 22.17
CA ASP D 17 -11.96 9.17 21.72
C ASP D 17 -11.99 10.35 20.73
N VAL D 18 -11.52 10.10 19.51
CA VAL D 18 -11.47 11.13 18.48
C VAL D 18 -12.19 10.75 17.20
N THR D 19 -12.35 9.44 16.91
CA THR D 19 -12.81 8.75 15.69
C THR D 19 -12.34 9.41 14.38
N VAL D 20 -11.03 9.39 14.15
CA VAL D 20 -10.41 9.74 12.88
C VAL D 20 -10.85 8.72 11.84
N THR D 21 -11.64 9.18 10.87
CA THR D 21 -12.44 8.29 10.03
C THR D 21 -12.33 8.75 8.59
N VAL D 22 -12.15 7.81 7.68
CA VAL D 22 -12.10 8.14 6.25
C VAL D 22 -13.51 8.03 5.66
N LEU D 23 -13.82 8.93 4.72
CA LEU D 23 -15.13 9.03 4.10
C LEU D 23 -15.02 8.98 2.58
N GLY D 24 -14.21 8.06 2.07
CA GLY D 24 -14.18 7.84 0.64
C GLY D 24 -13.02 8.51 -0.06
N VAL D 25 -12.92 8.22 -1.35
CA VAL D 25 -11.85 8.74 -2.19
C VAL D 25 -12.35 9.01 -3.61
N LYS D 26 -12.24 10.26 -4.06
CA LYS D 26 -12.62 10.66 -5.40
C LYS D 26 -11.34 11.04 -6.14
N GLY D 27 -10.70 10.04 -6.73
CA GLY D 27 -9.45 10.28 -7.44
C GLY D 27 -8.24 10.16 -6.55
N ASN D 28 -7.52 11.28 -6.36
CA ASN D 28 -6.33 11.29 -5.53
C ASN D 28 -6.47 12.19 -4.32
N GLN D 29 -7.69 12.60 -3.98
CA GLN D 29 -7.98 13.31 -2.76
C GLN D 29 -8.74 12.41 -1.79
N VAL D 30 -8.75 12.80 -0.53
CA VAL D 30 -9.39 12.03 0.53
C VAL D 30 -10.43 12.92 1.20
N ARG D 31 -11.14 12.35 2.17
CA ARG D 31 -12.13 13.10 2.94
C ARG D 31 -12.06 12.56 4.37
N ILE D 32 -11.26 13.19 5.19
CA ILE D 32 -11.05 12.76 6.56
C ILE D 32 -12.16 13.29 7.44
N GLY D 33 -12.77 12.42 8.24
CA GLY D 33 -13.73 12.86 9.25
C GLY D 33 -13.21 12.69 10.66
N VAL D 34 -13.16 13.79 11.40
CA VAL D 34 -12.65 13.83 12.77
C VAL D 34 -13.77 14.35 13.68
N ASN D 35 -14.24 13.51 14.59
CA ASN D 35 -15.32 13.95 15.48
C ASN D 35 -14.80 14.04 16.90
N ALA D 36 -13.64 14.71 17.04
CA ALA D 36 -13.09 15.13 18.32
C ALA D 36 -14.05 16.08 19.05
N PRO D 37 -14.07 16.06 20.39
CA PRO D 37 -15.10 16.83 21.12
C PRO D 37 -14.86 18.33 21.13
N LYS D 38 -15.83 19.03 21.72
CA LYS D 38 -16.09 20.43 21.42
C LYS D 38 -15.24 21.40 22.24
N GLU D 39 -14.21 20.95 22.94
CA GLU D 39 -13.28 21.85 23.59
C GLU D 39 -11.86 21.66 23.11
N VAL D 40 -11.53 20.51 22.51
CA VAL D 40 -10.31 20.41 21.73
C VAL D 40 -10.59 20.91 20.31
N ALA D 41 -9.60 21.56 19.71
CA ALA D 41 -9.74 22.09 18.37
C ALA D 41 -8.99 21.20 17.38
N VAL D 42 -9.47 21.20 16.14
CA VAL D 42 -8.71 20.64 15.02
C VAL D 42 -8.60 21.69 13.92
N HIS D 43 -7.50 22.40 13.99
CA HIS D 43 -7.23 23.36 12.90
C HIS D 43 -6.21 22.67 12.02
N ARG D 44 -5.95 23.27 10.89
CA ARG D 44 -5.00 22.70 9.95
C ARG D 44 -3.61 23.24 10.27
N GLU D 45 -2.68 23.09 9.34
CA GLU D 45 -1.25 23.05 9.63
C GLU D 45 -0.66 24.44 9.86
N GLU D 46 0.67 24.52 9.92
CA GLU D 46 1.46 25.56 10.59
C GLU D 46 1.40 26.99 10.07
N ILE D 47 0.66 27.22 8.98
CA ILE D 47 0.25 28.55 8.54
C ILE D 47 -0.55 29.27 9.63
N TYR D 48 -1.47 28.56 10.29
CA TYR D 48 -2.27 29.15 11.36
C TYR D 48 -1.47 29.30 12.65
N GLN D 49 -0.51 28.39 12.86
CA GLN D 49 0.43 28.48 13.97
C GLN D 49 1.34 29.69 13.83
N ARG D 50 1.74 30.01 12.60
CA ARG D 50 2.53 31.22 12.42
C ARG D 50 1.68 32.48 12.30
N ILE D 51 0.38 32.34 12.03
CA ILE D 51 -0.56 33.45 12.19
C ILE D 51 -0.67 33.86 13.66
N GLN D 52 -0.82 32.87 14.56
CA GLN D 52 -0.99 33.20 15.97
C GLN D 52 0.33 33.58 16.64
N LYS D 53 1.44 32.96 16.22
CA LYS D 53 2.72 33.35 16.80
C LYS D 53 3.40 34.48 16.03
N GLU D 54 2.77 35.04 14.98
CA GLU D 54 3.08 36.39 14.54
C GLU D 54 1.95 37.35 14.85
N LYS D 55 1.00 36.92 15.67
CA LYS D 55 0.13 37.84 16.39
C LYS D 55 0.26 37.63 17.89
N MET F 1 27.19 -24.11 5.53
CA MET F 1 28.06 -23.03 5.97
C MET F 1 27.34 -21.70 5.81
N LEU F 2 26.30 -21.69 5.00
CA LEU F 2 25.56 -20.47 4.71
C LEU F 2 24.37 -20.40 5.67
N ILE F 3 24.56 -19.70 6.78
CA ILE F 3 23.49 -19.41 7.72
C ILE F 3 22.55 -18.40 7.09
N LEU F 4 21.34 -18.83 6.74
CA LEU F 4 20.40 -17.97 6.03
C LEU F 4 19.78 -16.90 6.92
N THR F 5 19.56 -17.18 8.19
CA THR F 5 18.93 -16.21 9.06
C THR F 5 19.95 -15.64 10.03
N ARG F 6 20.14 -14.33 9.96
CA ARG F 6 20.70 -13.59 11.09
C ARG F 6 19.87 -12.34 11.29
N ARG F 7 19.61 -12.00 12.54
CA ARG F 7 18.74 -10.87 12.85
C ARG F 7 19.57 -9.59 12.89
N VAL F 8 18.92 -8.47 13.19
CA VAL F 8 19.59 -7.18 13.15
C VAL F 8 20.38 -6.99 14.44
N GLY F 9 21.64 -7.40 14.41
CA GLY F 9 22.57 -7.03 15.46
C GLY F 9 22.45 -7.78 16.75
N GLU F 10 21.87 -8.98 16.74
CA GLU F 10 21.64 -9.69 18.00
C GLU F 10 22.87 -10.43 18.49
N THR F 11 23.93 -10.52 17.70
CA THR F 11 25.18 -11.11 18.15
C THR F 11 26.15 -10.02 18.62
N LEU F 12 27.21 -10.46 19.28
CA LEU F 12 28.34 -9.58 19.57
C LEU F 12 29.61 -10.31 19.14
N MET F 13 29.61 -11.65 19.24
CA MET F 13 30.67 -12.51 18.71
C MET F 13 30.06 -13.62 17.86
N VAL F 14 30.67 -13.89 16.70
CA VAL F 14 30.29 -15.02 15.84
C VAL F 14 31.56 -15.84 15.59
N GLY F 15 31.55 -17.09 16.03
CA GLY F 15 32.60 -18.03 15.68
C GLY F 15 33.87 -17.80 16.48
N ASP F 16 34.97 -17.58 15.76
CA ASP F 16 36.26 -17.21 16.35
C ASP F 16 36.34 -15.69 16.47
N ASP F 17 37.54 -15.15 16.70
CA ASP F 17 37.71 -13.71 16.88
C ASP F 17 37.63 -12.90 15.57
N VAL F 18 36.45 -12.88 14.95
CA VAL F 18 36.16 -12.03 13.80
C VAL F 18 34.93 -11.16 14.04
N THR F 19 33.87 -11.75 14.63
CA THR F 19 32.70 -11.12 15.27
C THR F 19 31.88 -10.24 14.30
N VAL F 20 31.32 -10.87 13.29
CA VAL F 20 30.52 -10.16 12.28
C VAL F 20 29.14 -9.84 12.86
N THR F 21 28.78 -8.55 12.83
CA THR F 21 27.52 -8.07 13.38
C THR F 21 26.97 -6.97 12.47
N VAL F 22 25.70 -7.09 12.07
CA VAL F 22 25.07 -6.05 11.25
C VAL F 22 24.51 -4.96 12.15
N LEU F 23 24.19 -3.81 11.55
CA LEU F 23 23.54 -2.74 12.30
C LEU F 23 22.31 -2.14 11.61
N GLY F 24 22.28 -2.08 10.29
CA GLY F 24 21.22 -1.34 9.64
C GLY F 24 20.98 -1.80 8.22
N VAL F 25 19.71 -1.81 7.84
CA VAL F 25 19.29 -2.16 6.49
C VAL F 25 18.40 -1.04 5.97
N LYS F 26 18.83 -0.41 4.88
CA LYS F 26 17.91 0.34 4.04
C LYS F 26 18.23 -0.03 2.60
N GLY F 27 17.20 0.00 1.75
CA GLY F 27 17.31 -0.35 0.35
C GLY F 27 17.63 -1.81 0.11
N ASN F 28 18.81 -2.07 -0.45
CA ASN F 28 19.38 -3.41 -0.47
C ASN F 28 20.83 -3.40 -0.03
N GLN F 29 21.27 -2.38 0.70
CA GLN F 29 22.62 -2.31 1.23
C GLN F 29 22.58 -2.45 2.73
N VAL F 30 23.71 -2.85 3.31
CA VAL F 30 23.74 -3.30 4.69
C VAL F 30 25.01 -2.75 5.36
N ARG F 31 24.98 -2.70 6.68
CA ARG F 31 26.17 -2.40 7.47
C ARG F 31 26.77 -3.70 7.96
N ILE F 32 28.11 -3.77 7.99
CA ILE F 32 28.82 -5.00 8.35
C ILE F 32 30.18 -4.60 8.91
N GLY F 33 30.84 -5.54 9.60
CA GLY F 33 32.27 -5.47 9.78
C GLY F 33 32.77 -4.90 11.10
N VAL F 34 32.01 -5.09 12.14
CA VAL F 34 32.30 -4.48 13.43
C VAL F 34 33.27 -5.39 14.18
N ASN F 35 34.14 -4.76 14.99
CA ASN F 35 34.78 -5.35 16.18
C ASN F 35 35.82 -6.42 15.82
N ALA F 36 36.45 -6.28 14.67
CA ALA F 36 37.59 -7.10 14.33
C ALA F 36 38.81 -6.66 15.14
N PRO F 37 39.74 -7.59 15.42
CA PRO F 37 41.02 -7.17 16.01
C PRO F 37 41.87 -6.40 15.00
N LYS F 38 42.66 -5.47 15.53
CA LYS F 38 43.30 -4.45 14.71
C LYS F 38 44.55 -4.93 13.99
N GLU F 39 45.09 -6.10 14.35
CA GLU F 39 46.38 -6.54 13.82
C GLU F 39 46.27 -7.16 12.43
N VAL F 40 45.07 -7.51 11.99
CA VAL F 40 44.86 -8.06 10.66
C VAL F 40 44.45 -6.91 9.73
N ALA F 41 45.04 -6.89 8.53
CA ALA F 41 44.74 -5.86 7.54
C ALA F 41 43.36 -6.07 6.93
N VAL F 42 42.37 -5.36 7.47
CA VAL F 42 40.99 -5.45 6.99
C VAL F 42 40.71 -4.26 6.09
N HIS F 43 40.23 -4.54 4.89
CA HIS F 43 39.91 -3.50 3.92
C HIS F 43 38.82 -4.03 2.99
N ARG F 44 38.23 -3.13 2.24
CA ARG F 44 37.13 -3.49 1.36
C ARG F 44 37.15 -2.61 0.13
N GLU F 45 36.14 -2.75 -0.74
CA GLU F 45 35.33 -3.96 -0.81
C GLU F 45 36.12 -5.01 -1.54
N GLU F 46 36.78 -4.60 -2.61
CA GLU F 46 37.61 -5.51 -3.37
C GLU F 46 38.61 -4.73 -4.19
N ILE F 47 38.29 -3.46 -4.48
CA ILE F 47 39.18 -2.71 -5.35
C ILE F 47 40.47 -2.33 -4.64
N TYR F 48 40.43 -2.18 -3.31
CA TYR F 48 41.67 -2.06 -2.55
C TYR F 48 42.42 -3.39 -2.46
N GLN F 49 41.71 -4.52 -2.56
CA GLN F 49 42.38 -5.81 -2.60
C GLN F 49 43.05 -6.04 -3.96
N ARG F 50 42.46 -5.50 -5.03
CA ARG F 50 43.11 -5.52 -6.33
C ARG F 50 44.29 -4.56 -6.39
N ILE F 51 44.23 -3.46 -5.62
CA ILE F 51 45.35 -2.52 -5.52
C ILE F 51 46.53 -3.15 -4.76
N GLN F 52 46.23 -3.88 -3.68
CA GLN F 52 47.28 -4.69 -3.03
C GLN F 52 47.72 -5.90 -3.86
N LYS F 53 46.90 -6.37 -4.81
CA LYS F 53 47.38 -7.37 -5.75
C LYS F 53 48.32 -6.74 -6.78
N GLU F 54 48.11 -5.46 -7.11
CA GLU F 54 49.10 -4.74 -7.92
C GLU F 54 50.39 -4.48 -7.14
N LYS F 55 50.30 -4.33 -5.82
CA LYS F 55 51.50 -4.31 -4.99
C LYS F 55 52.14 -5.69 -4.90
N MET G 1 -14.42 18.69 11.60
CA MET G 1 -15.16 17.56 11.04
C MET G 1 -15.39 17.80 9.57
N LEU G 2 -15.16 16.75 8.77
CA LEU G 2 -15.29 16.70 7.30
C LEU G 2 -14.43 17.75 6.62
N ILE G 3 -13.12 17.59 6.76
CA ILE G 3 -12.16 18.46 6.10
C ILE G 3 -11.76 17.73 4.83
N LEU G 4 -12.40 18.20 3.75
CA LEU G 4 -12.12 17.62 2.42
C LEU G 4 -10.88 18.30 1.84
N THR G 5 -10.16 17.61 0.97
CA THR G 5 -8.96 18.04 0.24
C THR G 5 -7.79 18.34 1.19
N ARG G 6 -7.33 17.29 1.85
CA ARG G 6 -6.00 17.29 2.44
C ARG G 6 -5.19 16.29 1.63
N ARG G 7 -4.34 16.82 0.76
CA ARG G 7 -3.69 16.05 -0.30
C ARG G 7 -2.49 15.28 0.24
N VAL G 8 -1.90 14.48 -0.64
CA VAL G 8 -0.98 13.42 -0.24
C VAL G 8 0.40 14.02 0.00
N GLY G 9 0.69 14.31 1.25
CA GLY G 9 1.94 14.92 1.62
C GLY G 9 1.81 16.11 2.55
N GLU G 10 0.62 16.33 3.11
CA GLU G 10 0.29 17.53 3.86
C GLU G 10 -0.14 17.08 5.24
N THR G 11 -0.82 17.98 5.98
CA THR G 11 -1.53 17.75 7.24
C THR G 11 -0.56 17.34 8.35
N LEU G 12 0.33 18.28 8.67
CA LEU G 12 1.51 17.99 9.49
C LEU G 12 1.36 18.45 10.94
N MET G 13 0.36 19.27 11.26
CA MET G 13 0.09 19.63 12.66
C MET G 13 -1.42 19.72 12.85
N VAL G 14 -2.04 18.61 13.28
CA VAL G 14 -3.47 18.54 13.55
C VAL G 14 -3.69 17.86 14.89
N GLY G 15 -4.92 17.97 15.39
CA GLY G 15 -5.28 17.52 16.71
C GLY G 15 -4.64 18.41 17.75
N ASP G 16 -3.80 17.81 18.60
CA ASP G 16 -2.82 18.55 19.38
C ASP G 16 -1.66 17.60 19.62
N ASP G 17 -0.56 17.83 18.87
CA ASP G 17 0.72 17.10 18.93
C ASP G 17 0.57 15.61 18.66
N VAL G 18 -0.33 15.26 17.73
CA VAL G 18 -0.63 13.87 17.45
C VAL G 18 -0.44 13.56 15.97
N THR G 19 -0.47 14.61 15.14
CA THR G 19 -0.12 14.54 13.69
C THR G 19 -0.75 13.42 12.85
N VAL G 20 -2.06 13.49 12.59
CA VAL G 20 -2.66 12.58 11.61
C VAL G 20 -2.28 13.03 10.20
N THR G 21 -1.70 12.12 9.43
CA THR G 21 -1.03 12.45 8.17
C THR G 21 -1.37 11.41 7.12
N VAL G 22 -1.77 11.85 5.92
CA VAL G 22 -1.95 10.92 4.81
C VAL G 22 -0.60 10.63 4.17
N LEU G 23 -0.22 9.36 4.12
CA LEU G 23 1.05 8.98 3.50
C LEU G 23 0.78 7.82 2.53
N GLY G 24 0.39 8.15 1.31
CA GLY G 24 0.22 7.15 0.28
C GLY G 24 -1.20 6.69 0.02
N VAL G 25 -1.70 6.94 -1.19
CA VAL G 25 -3.03 6.51 -1.62
C VAL G 25 -2.84 5.58 -2.81
N LYS G 26 -3.37 4.36 -2.72
CA LYS G 26 -3.33 3.40 -3.83
C LYS G 26 -4.73 2.83 -4.05
N GLY G 27 -5.51 3.50 -4.87
CA GLY G 27 -6.83 2.98 -5.25
C GLY G 27 -7.91 3.35 -4.24
N ASN G 28 -8.32 2.38 -3.43
CA ASN G 28 -9.36 2.58 -2.42
C ASN G 28 -8.86 2.32 -1.01
N GLN G 29 -7.56 2.10 -0.82
CA GLN G 29 -6.96 2.06 0.49
C GLN G 29 -6.14 3.32 0.70
N VAL G 30 -6.27 3.91 1.90
CA VAL G 30 -5.52 5.11 2.25
C VAL G 30 -4.67 4.85 3.48
N ARG G 31 -3.36 4.90 3.31
CA ARG G 31 -2.43 4.55 4.37
C ARG G 31 -2.28 5.74 5.29
N ILE G 32 -3.14 5.78 6.32
CA ILE G 32 -3.10 6.89 7.25
C ILE G 32 -1.96 6.69 8.24
N GLY G 33 -1.53 7.77 8.87
CA GLY G 33 -0.45 7.67 9.84
C GLY G 33 -0.65 8.52 11.07
N VAL G 34 -0.67 7.89 12.23
CA VAL G 34 -0.74 8.56 13.51
C VAL G 34 0.65 8.57 14.11
N ASN G 35 1.07 9.70 14.64
CA ASN G 35 2.33 9.84 15.36
C ASN G 35 2.05 10.42 16.74
N ALA G 36 1.14 9.75 17.45
CA ALA G 36 0.82 10.07 18.84
C ALA G 36 2.01 9.78 19.77
N PRO G 37 2.08 10.44 20.93
CA PRO G 37 3.08 10.05 21.94
C PRO G 37 2.77 8.69 22.56
N LYS G 38 3.79 8.16 23.24
CA LYS G 38 3.81 6.77 23.70
C LYS G 38 2.88 6.52 24.88
N GLU G 39 2.47 7.58 25.59
CA GLU G 39 1.53 7.43 26.70
C GLU G 39 0.08 7.39 26.23
N VAL G 40 -0.19 7.71 24.96
CA VAL G 40 -1.52 7.64 24.40
C VAL G 40 -1.56 6.47 23.42
N ALA G 41 -2.47 5.54 23.66
CA ALA G 41 -2.55 4.30 22.90
C ALA G 41 -3.34 4.52 21.63
N VAL G 42 -2.88 3.91 20.54
CA VAL G 42 -3.65 3.82 19.31
C VAL G 42 -3.92 2.34 19.02
N HIS G 43 -5.18 2.02 18.73
CA HIS G 43 -5.58 0.67 18.39
C HIS G 43 -6.49 0.75 17.17
N ARG G 44 -6.22 -0.14 16.21
CA ARG G 44 -7.08 -0.23 15.04
C ARG G 44 -7.49 -1.69 14.96
N GLU G 45 -6.62 -2.56 15.46
CA GLU G 45 -6.81 -4.00 15.34
C GLU G 45 -8.21 -4.37 15.75
N GLU G 46 -8.98 -4.93 14.82
CA GLU G 46 -10.34 -5.30 15.11
C GLU G 46 -10.50 -6.05 16.42
N ILE G 47 -9.72 -7.11 16.61
CA ILE G 47 -9.92 -7.92 17.81
C ILE G 47 -9.43 -7.17 19.06
N TYR G 48 -8.46 -6.26 18.89
CA TYR G 48 -8.08 -5.35 19.96
C TYR G 48 -9.15 -4.29 20.19
N GLN G 49 -9.88 -3.92 19.14
CA GLN G 49 -11.01 -3.01 19.29
C GLN G 49 -12.21 -3.71 19.92
N ARG G 50 -12.36 -5.01 19.66
CA ARG G 50 -13.39 -5.79 20.33
C ARG G 50 -13.03 -6.09 21.78
N ILE G 51 -11.74 -6.12 22.12
CA ILE G 51 -11.37 -6.31 23.51
C ILE G 51 -11.25 -4.96 24.24
N GLN G 52 -11.19 -3.85 23.52
CA GLN G 52 -11.39 -2.56 24.15
C GLN G 52 -12.88 -2.25 24.28
N LYS G 53 -13.72 -2.94 23.52
CA LYS G 53 -15.15 -2.86 23.73
C LYS G 53 -15.60 -3.81 24.84
N GLU G 54 -14.89 -4.93 25.01
CA GLU G 54 -15.22 -5.86 26.09
C GLU G 54 -14.68 -5.36 27.41
N LYS G 55 -13.37 -5.18 27.51
CA LYS G 55 -12.73 -4.78 28.76
C LYS G 55 -12.02 -3.44 28.58
#